data_5FCU
#
_entry.id   5FCU
#
_cell.length_a   78.447
_cell.length_b   89.848
_cell.length_c   180.783
_cell.angle_alpha   90.00
_cell.angle_beta   90.00
_cell.angle_gamma   90.00
#
_symmetry.space_group_name_H-M   'C 2 2 21'
#
loop_
_entity.id
_entity.type
_entity.pdbx_description
1 polymer 'clade A/E 93TH057 HIV-1 gp120 core'
2 polymer 'JR4 FAB HEAVY CHAIN'
3 polymer 'JR4 FAB LIGHT CHAIN'
4 non-polymer 2-acetamido-2-deoxy-beta-D-glucopyranose
5 non-polymer 'SULFATE ION'
6 non-polymer 'CHLORIDE ION'
7 water water
#
loop_
_entity_poly.entity_id
_entity_poly.type
_entity_poly.pdbx_seq_one_letter_code
_entity_poly.pdbx_strand_id
1 'polypeptide(L)'
;VPVWKDADTTLFCASDAKAHETEVHNVWATHACVPTDPNPQEIHLENVTENFNMWKNNMVEQMQEDVISLWDQSLQPCVK
LTGGSVIKQACPKISFDPIPIHYCTPAGYVILKCNDKNFNGTGPCKNVSSVQCTHGIKPVVSSGGGNIKDNWRSELYKYK
VVQIEPLGI
;
G
2 'polypeptide(L)'
;HSEVQLVESGPGLVKPLETLSLTCAVPGGSIRRNYWSWIRQPPGKGLEWIGHSYGSGGSTNYNPSLESRVTLSVDTSKNL
FSLKLTSVTAADTAVYYCARTVWYYTSGTHYFDHWGQGVLVTVSSASTKGPSVFPLAPSSRSTSESTAALGCLVKDYFPE
PVTVSWNSGSLTSGVHTFPAVLQSSGLYSLSSVVTVPSSSLGTQTYVCNVNHKPSNTKVDKRVEIKTCGGGSK
;
H
3 'polypeptide(L)'
;QSVLTQPPSVSAAPGQKVTISCSGSSSNIGRSYVSWYQQVPGAAPKLLIYDTNKRPSGVSDRFSGSKSGSSASLAITGLQ
TGDEADYYCGAWDGSLNVHIFGSGTKLTVLGQPKASPLVTLFPPSSEELQANKATLVCLISDFYPGVVKVAWKADGNSVN
TGVETTTPSKQSNNKYAASSYLSLTSDQWKSHKSYSCQVTHEGSTVEKTVAPTECS
;
L
#
loop_
_chem_comp.id
_chem_comp.type
_chem_comp.name
_chem_comp.formula
CL non-polymer 'CHLORIDE ION' 'Cl -1'
NAG D-saccharide, beta linking 2-acetamido-2-deoxy-beta-D-glucopyranose 'C8 H15 N O6'
SO4 non-polymer 'SULFATE ION' 'O4 S -2'
#
# COMPACT_ATOMS: atom_id res chain seq x y z
N TRP A 4 -8.75 -35.16 15.34
CA TRP A 4 -7.86 -35.13 14.14
C TRP A 4 -7.82 -36.47 13.42
N LYS A 5 -7.34 -36.47 12.17
CA LYS A 5 -7.30 -37.68 11.34
C LYS A 5 -6.07 -37.70 10.38
N ASP A 6 -5.40 -38.86 10.29
CA ASP A 6 -4.30 -39.04 9.32
C ASP A 6 -4.69 -38.46 7.98
N ALA A 7 -3.91 -37.51 7.48
CA ALA A 7 -4.18 -36.90 6.17
C ALA A 7 -2.89 -36.53 5.44
N ASP A 8 -3.02 -36.19 4.16
CA ASP A 8 -1.86 -35.93 3.30
C ASP A 8 -1.91 -34.46 2.87
N THR A 9 -0.83 -33.72 3.11
CA THR A 9 -0.75 -32.30 2.72
C THR A 9 0.60 -32.00 2.07
N THR A 10 0.65 -30.85 1.41
CA THR A 10 1.87 -30.34 0.84
C THR A 10 2.52 -29.44 1.92
N LEU A 11 3.69 -29.82 2.40
CA LEU A 11 4.37 -29.08 3.48
C LEU A 11 5.17 -27.95 2.87
N PHE A 12 5.45 -26.90 3.62
CA PHE A 12 6.38 -25.85 3.16
C PHE A 12 7.71 -26.00 3.88
N CYS A 13 8.81 -25.56 3.25
CA CYS A 13 10.12 -25.65 3.90
C CYS A 13 10.53 -24.33 4.47
N ALA A 14 11.35 -24.43 5.50
CA ALA A 14 11.91 -23.27 6.17
C ALA A 14 13.42 -23.53 6.34
N SER A 15 14.22 -22.47 6.20
CA SER A 15 15.67 -22.52 6.35
C SER A 15 16.16 -21.07 6.57
N ASP A 16 17.27 -20.84 7.28
CA ASP A 16 17.75 -19.45 7.44
C ASP A 16 18.89 -18.95 6.53
N THR A 30 18.47 -23.13 -1.49
CA THR A 30 17.31 -22.82 -2.34
C THR A 30 16.25 -21.92 -1.64
N HIS A 31 15.76 -20.96 -2.44
CA HIS A 31 14.89 -19.87 -1.99
C HIS A 31 13.41 -20.23 -2.16
N ALA A 32 13.07 -21.51 -2.29
CA ALA A 32 11.64 -21.98 -2.27
C ALA A 32 11.13 -22.07 -0.82
N CYS A 33 12.09 -22.03 0.11
CA CYS A 33 11.81 -22.01 1.50
C CYS A 33 11.64 -20.59 2.03
N VAL A 34 10.98 -20.51 3.20
CA VAL A 34 10.75 -19.30 3.96
C VAL A 34 11.68 -19.32 5.16
N PRO A 35 11.84 -18.16 5.85
CA PRO A 35 12.66 -18.18 7.06
C PRO A 35 11.98 -19.02 8.15
N THR A 36 12.77 -19.42 9.13
CA THR A 36 12.28 -20.27 10.20
C THR A 36 11.31 -19.53 11.12
N ASP A 37 10.47 -20.34 11.74
CA ASP A 37 9.53 -19.94 12.75
C ASP A 37 10.33 -19.27 13.85
N PRO A 38 9.95 -18.02 14.23
CA PRO A 38 10.67 -17.33 15.31
C PRO A 38 10.43 -17.90 16.70
N ASN A 39 9.36 -18.69 16.89
CA ASN A 39 9.03 -19.18 18.23
C ASN A 39 8.56 -20.64 18.17
N PRO A 40 9.48 -21.54 17.81
CA PRO A 40 9.02 -22.89 17.68
C PRO A 40 8.68 -23.40 19.10
N GLN A 41 7.52 -24.02 19.19
CA GLN A 41 7.00 -24.46 20.45
C GLN A 41 6.56 -25.91 20.26
N GLU A 42 6.87 -26.76 21.25
CA GLU A 42 6.46 -28.18 21.26
C GLU A 42 5.40 -28.42 22.38
N ILE A 43 4.14 -28.66 21.97
CA ILE A 43 3.06 -28.92 22.93
C ILE A 43 2.79 -30.40 23.15
N HIS A 44 2.97 -30.84 24.37
CA HIS A 44 2.64 -32.20 24.64
C HIS A 44 1.14 -32.40 24.80
N LEU A 45 0.71 -33.62 24.58
CA LEU A 45 -0.69 -33.90 24.71
C LEU A 45 -0.82 -34.95 25.83
N GLU A 46 -1.49 -34.61 26.94
CA GLU A 46 -1.57 -35.55 28.10
C GLU A 46 -2.40 -36.76 27.75
N ASN A 47 -2.07 -37.89 28.38
CA ASN A 47 -2.59 -39.19 27.95
C ASN A 47 -2.13 -39.37 26.47
N VAL A 48 -3.04 -39.65 25.55
CA VAL A 48 -2.79 -39.58 24.07
C VAL A 48 -1.70 -40.55 23.52
N THR A 49 -2.17 -41.54 22.79
CA THR A 49 -1.36 -42.55 22.14
C THR A 49 -1.73 -42.54 20.66
N GLU A 50 -0.73 -42.44 19.81
CA GLU A 50 -0.95 -42.43 18.39
C GLU A 50 -0.20 -43.58 17.76
N ASN A 51 -0.80 -44.22 16.76
CA ASN A 51 -0.02 -45.19 15.98
C ASN A 51 0.77 -44.50 14.84
N PHE A 52 2.06 -44.80 14.74
CA PHE A 52 2.91 -44.38 13.65
C PHE A 52 3.15 -45.60 12.82
N ASN A 53 3.11 -45.45 11.52
CA ASN A 53 3.49 -46.49 10.58
C ASN A 53 4.52 -45.95 9.57
N MET A 54 5.73 -46.50 9.65
CA MET A 54 6.86 -46.06 8.84
C MET A 54 6.64 -46.44 7.37
N TRP A 55 6.04 -47.61 7.16
CA TRP A 55 5.81 -48.14 5.81
C TRP A 55 4.72 -47.39 5.02
N LYS A 56 3.90 -46.59 5.70
CA LYS A 56 2.81 -45.83 5.08
C LYS A 56 2.79 -44.48 5.72
N ASN A 57 3.78 -43.66 5.39
CA ASN A 57 3.91 -42.30 5.88
C ASN A 57 4.35 -41.46 4.70
N ASN A 58 3.38 -40.70 4.17
CA ASN A 58 3.54 -39.96 2.92
C ASN A 58 4.15 -38.58 3.14
N MET A 59 4.12 -38.09 4.38
CA MET A 59 4.92 -36.93 4.78
C MET A 59 6.41 -37.24 4.64
N VAL A 60 6.82 -38.32 5.28
CA VAL A 60 8.22 -38.67 5.41
C VAL A 60 8.91 -38.94 4.09
N GLU A 61 8.23 -39.66 3.18
CA GLU A 61 8.82 -39.92 1.88
C GLU A 61 8.94 -38.66 0.99
N GLN A 62 7.92 -37.81 0.95
CA GLN A 62 8.02 -36.50 0.23
C GLN A 62 9.09 -35.60 0.80
N MET A 63 9.22 -35.65 2.12
CA MET A 63 10.28 -34.97 2.88
C MET A 63 11.71 -35.32 2.42
N GLN A 64 12.07 -36.60 2.56
CA GLN A 64 13.43 -37.05 2.22
C GLN A 64 13.72 -37.00 0.71
N GLU A 65 12.67 -37.13 -0.11
CA GLU A 65 12.80 -37.00 -1.57
C GLU A 65 13.05 -35.56 -2.00
N ASP A 66 12.43 -34.63 -1.28
CA ASP A 66 12.67 -33.21 -1.49
C ASP A 66 14.11 -32.84 -1.14
N VAL A 67 14.60 -33.32 0.01
CA VAL A 67 16.04 -33.41 0.28
C VAL A 67 16.74 -34.43 -0.65
N PRO A 98 24.72 -28.50 7.83
CA PRO A 98 24.48 -27.07 7.50
C PRO A 98 24.17 -26.88 6.00
N ILE A 99 23.15 -26.09 5.64
CA ILE A 99 22.20 -25.40 6.56
C ILE A 99 20.95 -26.29 6.71
N PRO A 100 20.43 -26.41 7.93
CA PRO A 100 19.18 -27.20 8.12
C PRO A 100 17.98 -26.72 7.25
N ILE A 101 17.09 -27.66 6.95
CA ILE A 101 15.83 -27.37 6.27
C ILE A 101 14.75 -28.00 7.15
N HIS A 102 13.72 -27.22 7.48
CA HIS A 102 12.57 -27.69 8.26
C HIS A 102 11.41 -27.82 7.30
N TYR A 103 10.50 -28.77 7.60
CA TYR A 103 9.28 -28.92 6.84
C TYR A 103 8.17 -28.64 7.81
N CYS A 104 7.16 -27.96 7.31
CA CYS A 104 6.18 -27.30 8.15
C CYS A 104 4.80 -27.49 7.56
N THR A 105 3.81 -27.47 8.42
CA THR A 105 2.42 -27.64 7.99
C THR A 105 1.74 -26.29 7.85
N PRO A 106 0.91 -26.14 6.80
CA PRO A 106 0.02 -24.97 6.76
C PRO A 106 -1.10 -25.06 7.85
N ALA A 107 -1.76 -23.95 8.14
CA ALA A 107 -2.95 -23.96 9.03
C ALA A 107 -3.98 -24.95 8.51
N GLY A 108 -4.63 -25.67 9.43
CA GLY A 108 -5.57 -26.76 9.09
C GLY A 108 -4.97 -28.15 9.27
N TYR A 109 -3.65 -28.19 9.46
CA TYR A 109 -2.88 -29.44 9.66
C TYR A 109 -1.87 -29.22 10.75
N VAL A 110 -1.38 -30.30 11.34
CA VAL A 110 -0.39 -30.24 12.41
C VAL A 110 0.53 -31.49 12.31
N ILE A 111 1.75 -31.39 12.81
CA ILE A 111 2.68 -32.53 12.80
C ILE A 111 2.69 -33.12 14.20
N LEU A 112 2.37 -34.42 14.33
CA LEU A 112 2.59 -35.08 15.61
C LEU A 112 3.97 -35.68 15.62
N LYS A 113 4.67 -35.52 16.75
CA LYS A 113 6.03 -36.04 16.98
C LYS A 113 6.02 -37.17 18.07
N CYS A 114 6.68 -38.29 17.81
CA CYS A 114 6.82 -39.35 18.82
C CYS A 114 8.05 -39.03 19.65
N ASN A 115 7.89 -39.03 20.96
CA ASN A 115 8.98 -38.75 21.90
C ASN A 115 9.35 -39.97 22.71
N ASP A 116 8.68 -41.09 22.43
CA ASP A 116 8.98 -42.36 23.08
C ASP A 116 10.44 -42.78 22.91
N LYS A 117 10.99 -43.39 23.96
CA LYS A 117 12.33 -43.89 23.88
C LYS A 117 12.40 -45.28 23.24
N ASN A 118 11.29 -46.00 23.09
CA ASN A 118 11.35 -47.29 22.34
C ASN A 118 11.41 -47.07 20.83
N PHE A 119 10.83 -45.97 20.40
CA PHE A 119 10.35 -45.83 19.06
C PHE A 119 11.35 -46.06 17.92
N ASN A 120 10.97 -46.95 16.99
CA ASN A 120 11.69 -47.11 15.72
C ASN A 120 10.87 -47.01 14.44
N GLY A 121 9.84 -46.17 14.46
CA GLY A 121 9.15 -45.75 13.23
C GLY A 121 7.73 -46.28 13.11
N THR A 122 7.48 -47.38 13.80
CA THR A 122 6.23 -48.10 13.63
C THR A 122 5.73 -48.56 15.00
N GLY A 123 4.49 -48.24 15.32
CA GLY A 123 3.86 -48.69 16.52
C GLY A 123 3.13 -47.61 17.28
N PRO A 124 2.43 -48.02 18.37
CA PRO A 124 1.82 -47.07 19.30
C PRO A 124 2.88 -46.18 19.92
N CYS A 125 2.66 -44.88 19.92
CA CYS A 125 3.57 -43.96 20.61
C CYS A 125 2.82 -43.42 21.82
N LYS A 126 3.47 -43.43 22.98
CA LYS A 126 2.80 -43.18 24.25
C LYS A 126 2.98 -41.74 24.75
N ASN A 127 4.01 -41.05 24.25
CA ASN A 127 4.31 -39.70 24.66
C ASN A 127 4.46 -38.90 23.36
N VAL A 128 3.38 -38.20 22.98
CA VAL A 128 3.33 -37.49 21.70
C VAL A 128 3.22 -35.94 21.88
N SER A 129 3.82 -35.24 20.91
CA SER A 129 3.80 -33.75 20.82
C SER A 129 3.20 -33.35 19.51
N SER A 130 2.60 -32.17 19.49
CA SER A 130 2.20 -31.53 18.24
C SER A 130 3.17 -30.36 17.94
N VAL A 131 3.63 -30.24 16.69
CA VAL A 131 4.55 -29.15 16.28
C VAL A 131 4.08 -28.52 14.94
N GLN A 132 4.53 -27.29 14.63
CA GLN A 132 4.16 -26.72 13.33
C GLN A 132 5.22 -27.08 12.28
N CYS A 133 6.47 -27.31 12.73
CA CYS A 133 7.58 -27.80 11.90
C CYS A 133 8.45 -28.88 12.56
N THR A 134 9.08 -29.67 11.69
CA THR A 134 10.14 -30.60 12.06
C THR A 134 11.37 -29.88 12.54
N HIS A 135 12.24 -30.60 13.23
CA HIS A 135 13.61 -30.15 13.45
C HIS A 135 14.34 -29.82 12.11
N GLY A 136 15.53 -29.23 12.22
CA GLY A 136 16.33 -28.93 11.04
C GLY A 136 17.16 -30.12 10.54
N ILE A 137 16.81 -30.59 9.33
CA ILE A 137 17.39 -31.77 8.69
C ILE A 137 18.61 -31.35 7.89
N LYS A 138 19.74 -32.04 8.07
CA LYS A 138 21.02 -31.62 7.48
C LYS A 138 21.53 -32.59 6.41
N ARG A 153 16.88 -41.12 4.48
CA ARG A 153 17.53 -41.42 5.74
C ARG A 153 16.99 -40.62 6.94
N SER A 154 15.93 -41.18 7.50
CA SER A 154 15.34 -40.75 8.77
C SER A 154 16.24 -41.16 9.98
N GLU A 155 15.87 -40.81 11.22
CA GLU A 155 14.54 -40.39 11.64
C GLU A 155 14.44 -38.98 12.22
N LEU A 156 13.34 -38.24 12.02
CA LEU A 156 12.38 -38.26 10.86
C LEU A 156 11.08 -39.13 10.82
N TYR A 157 11.18 -40.46 10.99
CA TYR A 157 9.97 -41.29 11.07
C TYR A 157 9.22 -41.06 12.36
N LYS A 158 9.76 -40.22 13.25
CA LYS A 158 9.05 -39.82 14.49
C LYS A 158 7.93 -38.79 14.27
N TYR A 159 7.63 -38.48 13.01
CA TYR A 159 6.69 -37.45 12.68
C TYR A 159 5.58 -38.00 11.82
N LYS A 160 4.35 -37.53 12.02
CA LYS A 160 3.29 -37.68 10.99
C LYS A 160 2.34 -36.48 10.97
N VAL A 161 1.76 -36.20 9.82
CA VAL A 161 0.81 -35.08 9.73
C VAL A 161 -0.63 -35.58 9.89
N VAL A 162 -1.41 -34.81 10.64
CA VAL A 162 -2.84 -35.02 10.78
C VAL A 162 -3.57 -33.69 10.49
N GLN A 163 -4.84 -33.82 10.12
CA GLN A 163 -5.74 -32.69 9.86
C GLN A 163 -6.60 -32.38 11.08
N ILE A 164 -6.68 -31.12 11.49
CA ILE A 164 -7.52 -30.73 12.64
C ILE A 164 -9.03 -30.68 12.31
N GLU B 3 15.57 -14.04 -4.96
CA GLU B 3 14.59 -13.54 -5.97
C GLU B 3 13.57 -14.62 -6.38
N VAL B 4 12.34 -14.37 -5.95
CA VAL B 4 11.17 -15.12 -6.37
C VAL B 4 10.38 -14.15 -7.28
N GLN B 5 10.29 -14.46 -8.58
CA GLN B 5 9.71 -13.52 -9.55
C GLN B 5 8.20 -13.66 -9.72
N LEU B 6 7.53 -12.57 -9.50
CA LEU B 6 6.10 -12.58 -9.56
C LEU B 6 5.73 -11.51 -10.53
N VAL B 7 4.86 -11.81 -11.49
CA VAL B 7 4.47 -10.86 -12.48
C VAL B 7 2.98 -10.84 -12.55
N GLU B 8 2.38 -9.73 -12.13
CA GLU B 8 0.95 -9.55 -12.17
C GLU B 8 0.47 -9.11 -13.58
N SER B 9 -0.75 -9.53 -13.96
CA SER B 9 -1.39 -9.16 -15.22
C SER B 9 -2.86 -8.87 -15.05
N GLY B 10 -3.40 -8.13 -16.01
CA GLY B 10 -4.84 -7.89 -16.12
C GLY B 10 -5.12 -6.60 -16.86
N PRO B 11 -6.40 -6.20 -16.91
CA PRO B 11 -6.78 -5.02 -17.68
C PRO B 11 -6.41 -3.76 -16.93
N GLY B 12 -5.83 -2.82 -17.64
CA GLY B 12 -5.59 -1.53 -17.03
C GLY B 12 -6.85 -0.73 -16.70
N LEU B 13 -7.98 -1.04 -17.34
CA LEU B 13 -9.20 -0.23 -17.24
C LEU B 13 -10.40 -1.17 -17.09
N VAL B 14 -11.31 -0.87 -16.17
CA VAL B 14 -12.52 -1.68 -15.94
C VAL B 14 -13.66 -0.70 -15.67
N LYS B 15 -14.84 -0.98 -16.21
CA LYS B 15 -15.99 -0.14 -15.96
C LYS B 15 -16.57 -0.45 -14.58
N PRO B 16 -17.14 0.58 -13.92
CA PRO B 16 -17.85 0.44 -12.65
C PRO B 16 -18.91 -0.64 -12.72
N LEU B 17 -18.97 -1.42 -11.65
CA LEU B 17 -19.90 -2.54 -11.52
C LEU B 17 -19.57 -3.74 -12.34
N GLU B 18 -18.44 -3.73 -13.06
CA GLU B 18 -17.93 -4.96 -13.66
C GLU B 18 -17.03 -5.73 -12.71
N THR B 19 -16.66 -6.92 -13.13
CA THR B 19 -15.77 -7.73 -12.33
C THR B 19 -14.32 -7.53 -12.75
N LEU B 20 -13.43 -7.28 -11.80
CA LEU B 20 -11.98 -7.17 -12.04
C LEU B 20 -11.31 -8.53 -11.89
N SER B 21 -10.48 -8.90 -12.87
CA SER B 21 -9.76 -10.17 -12.87
C SER B 21 -8.30 -9.92 -13.13
N LEU B 22 -7.46 -10.47 -12.26
CA LEU B 22 -6.01 -10.28 -12.28
C LEU B 22 -5.37 -11.65 -12.11
N THR B 23 -4.15 -11.77 -12.60
CA THR B 23 -3.36 -12.99 -12.63
C THR B 23 -1.98 -12.68 -12.17
N CYS B 24 -1.36 -13.60 -11.44
CA CYS B 24 0.04 -13.48 -10.98
C CYS B 24 0.82 -14.76 -11.33
N ALA B 25 1.86 -14.60 -12.13
CA ALA B 25 2.63 -15.72 -12.59
C ALA B 25 3.78 -15.96 -11.65
N VAL B 26 4.05 -17.23 -11.35
CA VAL B 26 4.94 -17.68 -10.25
C VAL B 26 5.99 -18.79 -10.66
N PRO B 27 7.15 -18.85 -9.93
CA PRO B 27 8.07 -20.01 -9.89
C PRO B 27 7.38 -21.38 -9.69
N GLY B 28 7.63 -22.30 -10.60
CA GLY B 28 7.01 -23.60 -10.52
C GLY B 28 7.35 -24.32 -9.24
N GLY B 29 8.64 -24.40 -8.91
CA GLY B 29 9.10 -25.18 -7.75
C GLY B 29 8.69 -24.59 -6.41
N SER B 30 7.75 -23.63 -6.42
CA SER B 30 7.30 -23.02 -5.18
C SER B 30 5.78 -22.75 -5.07
N ILE B 31 5.04 -22.68 -6.16
CA ILE B 31 3.65 -22.23 -6.08
C ILE B 31 2.80 -23.11 -5.13
N ARG B 32 2.96 -24.43 -5.24
CA ARG B 32 2.16 -25.35 -4.50
C ARG B 32 2.49 -25.36 -3.02
N ARG B 33 3.70 -24.95 -2.64
CA ARG B 33 4.18 -25.15 -1.24
C ARG B 33 4.47 -23.80 -0.50
N ASN B 34 3.61 -22.81 -0.74
CA ASN B 34 3.72 -21.51 -0.13
C ASN B 34 2.35 -20.85 -0.02
N TYR B 35 2.24 -19.88 0.87
CA TYR B 35 1.13 -18.91 0.82
C TYR B 35 1.45 -17.76 -0.14
N TRP B 36 0.40 -17.20 -0.74
CA TRP B 36 0.49 -16.10 -1.66
C TRP B 36 -0.67 -15.14 -1.33
N SER B 37 -0.36 -13.84 -1.27
CA SER B 37 -1.34 -12.80 -0.94
C SER B 37 -1.53 -11.81 -2.10
N TRP B 38 -2.69 -11.19 -2.18
CA TRP B 38 -2.82 -10.00 -2.99
C TRP B 38 -2.90 -8.88 -2.04
N ILE B 39 -2.30 -7.73 -2.45
CA ILE B 39 -2.24 -6.51 -1.67
C ILE B 39 -2.49 -5.38 -2.67
N ARG B 40 -3.20 -4.34 -2.26
CA ARG B 40 -3.35 -3.18 -3.16
C ARG B 40 -3.02 -1.83 -2.58
N GLN B 41 -2.88 -0.84 -3.45
CA GLN B 41 -2.50 0.50 -3.02
C GLN B 41 -3.12 1.53 -4.00
N PRO B 42 -4.20 2.21 -3.60
CA PRO B 42 -4.74 3.28 -4.41
C PRO B 42 -3.65 4.40 -4.60
N PRO B 43 -3.60 5.04 -5.77
CA PRO B 43 -2.48 6.02 -6.01
C PRO B 43 -2.46 7.05 -4.93
N GLY B 44 -1.28 7.28 -4.41
CA GLY B 44 -1.08 8.23 -3.34
C GLY B 44 -1.54 7.84 -1.94
N LYS B 45 -2.03 6.60 -1.76
CA LYS B 45 -2.58 6.18 -0.47
C LYS B 45 -1.78 4.97 0.01
N GLY B 46 -2.21 4.38 1.12
CA GLY B 46 -1.48 3.26 1.69
C GLY B 46 -1.88 1.86 1.22
N LEU B 47 -1.23 0.86 1.81
CA LEU B 47 -1.41 -0.56 1.45
C LEU B 47 -2.60 -1.14 2.13
N GLU B 48 -3.21 -2.11 1.45
CA GLU B 48 -4.31 -2.88 1.96
C GLU B 48 -4.13 -4.37 1.56
N TRP B 49 -4.15 -5.26 2.55
CA TRP B 49 -4.16 -6.74 2.32
C TRP B 49 -5.48 -7.19 1.87
N ILE B 50 -5.48 -7.92 0.75
CA ILE B 50 -6.72 -8.45 0.24
C ILE B 50 -7.06 -9.83 0.75
N GLY B 51 -6.06 -10.70 0.73
CA GLY B 51 -6.30 -12.07 1.16
C GLY B 51 -5.11 -12.93 0.89
N HIS B 52 -5.16 -14.16 1.36
CA HIS B 52 -4.15 -15.12 1.00
C HIS B 52 -4.78 -16.49 0.74
N SER B 53 -3.95 -17.40 0.19
CA SER B 53 -4.40 -18.71 -0.21
C SER B 53 -3.14 -19.55 -0.16
N TYR B 54 -3.22 -20.73 0.42
CA TYR B 54 -2.10 -21.67 0.38
C TYR B 54 -2.04 -22.23 -1.03
N GLY B 55 -0.87 -22.60 -1.49
CA GLY B 55 -0.74 -23.08 -2.86
C GLY B 55 -1.40 -24.43 -3.16
N SER B 56 -1.67 -25.21 -2.14
CA SER B 56 -2.33 -26.52 -2.30
C SER B 56 -3.67 -26.62 -1.59
N GLY B 57 -3.84 -25.88 -0.51
CA GLY B 57 -5.05 -25.97 0.29
C GLY B 57 -6.15 -25.24 -0.47
N GLY B 58 -7.37 -25.29 0.01
CA GLY B 58 -7.69 -25.90 1.31
C GLY B 58 -7.37 -24.96 2.47
N SER B 59 -6.90 -23.75 2.14
CA SER B 59 -6.69 -22.71 3.13
C SER B 59 -6.71 -21.38 2.39
N THR B 60 -7.75 -20.60 2.66
CA THR B 60 -7.93 -19.28 2.10
C THR B 60 -8.43 -18.41 3.23
N ASN B 61 -7.89 -17.19 3.32
CA ASN B 61 -8.30 -16.16 4.30
C ASN B 61 -8.43 -14.83 3.62
N TYR B 62 -9.61 -14.21 3.69
CA TYR B 62 -9.88 -12.96 3.04
C TYR B 62 -9.94 -11.84 4.05
N ASN B 63 -9.59 -10.63 3.61
CA ASN B 63 -9.80 -9.45 4.41
C ASN B 63 -11.28 -9.38 4.65
N PRO B 64 -11.71 -9.36 5.91
CA PRO B 64 -13.14 -9.48 6.12
C PRO B 64 -14.00 -8.43 5.41
N SER B 65 -13.50 -7.19 5.23
CA SER B 65 -14.30 -6.14 4.58
C SER B 65 -14.56 -6.34 3.05
N LEU B 66 -13.74 -7.17 2.39
CA LEU B 66 -13.81 -7.41 0.94
C LEU B 66 -14.26 -8.84 0.62
N GLU B 67 -14.54 -9.60 1.68
CA GLU B 67 -14.73 -11.04 1.57
C GLU B 67 -15.83 -11.36 0.57
N SER B 68 -16.94 -10.62 0.60
CA SER B 68 -18.11 -10.89 -0.27
C SER B 68 -17.79 -10.78 -1.76
N ARG B 69 -16.80 -9.93 -2.09
CA ARG B 69 -16.50 -9.60 -3.46
C ARG B 69 -15.26 -10.30 -3.98
N VAL B 70 -14.55 -11.06 -3.14
CA VAL B 70 -13.22 -11.53 -3.48
C VAL B 70 -13.18 -13.01 -3.67
N THR B 71 -12.52 -13.44 -4.73
CA THR B 71 -12.14 -14.84 -4.87
C THR B 71 -10.71 -14.97 -5.33
N LEU B 72 -9.96 -15.79 -4.62
CA LEU B 72 -8.59 -16.12 -4.93
C LEU B 72 -8.49 -17.54 -5.39
N SER B 73 -7.63 -17.84 -6.36
CA SER B 73 -7.48 -19.22 -6.85
C SER B 73 -6.04 -19.49 -7.20
N VAL B 74 -5.69 -20.76 -7.18
CA VAL B 74 -4.36 -21.20 -7.51
C VAL B 74 -4.58 -22.23 -8.59
N ASP B 75 -3.91 -22.02 -9.73
CA ASP B 75 -3.84 -23.01 -10.80
C ASP B 75 -2.41 -23.50 -10.87
N THR B 76 -2.14 -24.59 -10.15
CA THR B 76 -0.79 -25.15 -10.05
C THR B 76 -0.23 -25.57 -11.41
N SER B 77 -1.13 -26.01 -12.29
CA SER B 77 -0.74 -26.47 -13.62
C SER B 77 -0.12 -25.35 -14.47
N LYS B 78 -0.77 -24.20 -14.53
CA LYS B 78 -0.23 -23.08 -15.30
C LYS B 78 0.55 -22.08 -14.43
N ASN B 79 0.81 -22.46 -13.17
CA ASN B 79 1.53 -21.63 -12.22
C ASN B 79 0.95 -20.21 -12.14
N LEU B 80 -0.36 -20.12 -11.97
CA LEU B 80 -1.07 -18.83 -11.86
C LEU B 80 -1.78 -18.72 -10.52
N PHE B 81 -1.58 -17.55 -9.91
CA PHE B 81 -2.30 -17.16 -8.73
C PHE B 81 -3.23 -16.05 -9.16
N SER B 82 -4.53 -16.17 -8.87
CA SER B 82 -5.51 -15.24 -9.43
C SER B 82 -6.42 -14.62 -8.41
N LEU B 83 -6.96 -13.50 -8.85
CA LEU B 83 -7.83 -12.66 -8.08
C LEU B 83 -9.02 -12.29 -8.96
N LYS B 84 -10.21 -12.50 -8.42
CA LYS B 84 -11.44 -11.91 -8.95
C LYS B 84 -12.07 -10.99 -7.91
N LEU B 85 -12.44 -9.79 -8.33
CA LEU B 85 -13.10 -8.84 -7.47
C LEU B 85 -14.35 -8.31 -8.18
N THR B 86 -15.54 -8.58 -7.66
CA THR B 86 -16.80 -8.18 -8.31
C THR B 86 -17.28 -6.78 -7.95
N SER B 87 -18.12 -6.25 -8.83
CA SER B 87 -18.83 -4.99 -8.63
C SER B 87 -17.92 -3.86 -8.18
N VAL B 88 -16.93 -3.55 -9.03
CA VAL B 88 -15.89 -2.58 -8.68
C VAL B 88 -16.46 -1.15 -8.76
N THR B 89 -15.90 -0.27 -7.92
CA THR B 89 -16.27 1.14 -7.86
C THR B 89 -14.97 2.00 -8.01
N ALA B 90 -15.14 3.32 -7.91
CA ALA B 90 -14.02 4.27 -7.99
C ALA B 90 -12.97 3.96 -6.91
N ALA B 91 -13.40 3.44 -5.74
CA ALA B 91 -12.51 3.09 -4.63
C ALA B 91 -11.57 1.90 -4.94
N ASP B 92 -11.86 1.11 -5.98
CA ASP B 92 -11.00 -0.07 -6.34
C ASP B 92 -9.85 0.24 -7.32
N THR B 93 -9.78 1.51 -7.76
CA THR B 93 -8.62 1.98 -8.51
C THR B 93 -7.40 1.92 -7.60
N ALA B 94 -6.42 1.14 -8.03
CA ALA B 94 -5.25 0.87 -7.25
C ALA B 94 -4.21 0.11 -8.07
N VAL B 95 -2.99 0.12 -7.55
CA VAL B 95 -1.96 -0.82 -7.95
C VAL B 95 -2.16 -2.10 -7.12
N TYR B 96 -2.25 -3.24 -7.80
CA TYR B 96 -2.50 -4.52 -7.16
C TYR B 96 -1.18 -5.30 -7.23
N TYR B 97 -0.74 -5.85 -6.08
CA TYR B 97 0.53 -6.60 -5.97
C TYR B 97 0.21 -8.02 -5.49
N CYS B 98 0.87 -9.01 -6.05
CA CYS B 98 0.94 -10.34 -5.43
C CYS B 98 2.24 -10.46 -4.64
N ALA B 99 2.21 -11.26 -3.59
CA ALA B 99 3.35 -11.43 -2.72
C ALA B 99 3.42 -12.78 -2.10
N ARG B 100 4.61 -13.35 -2.05
CA ARG B 100 4.76 -14.55 -1.30
C ARG B 100 4.65 -14.19 0.16
N THR B 101 3.91 -15.02 0.86
CA THR B 101 3.52 -14.76 2.24
C THR B 101 4.14 -15.83 3.16
N VAL B 102 4.65 -15.40 4.30
CA VAL B 102 5.16 -16.29 5.33
C VAL B 102 4.20 -16.24 6.49
N TRP B 103 3.62 -17.41 6.85
CA TRP B 103 2.70 -17.46 7.95
C TRP B 103 2.91 -18.63 8.84
N TYR B 104 3.28 -18.38 10.08
CA TYR B 104 3.32 -19.40 11.11
C TYR B 104 2.20 -19.05 12.06
N TYR B 105 1.05 -19.66 11.80
CA TYR B 105 -0.16 -19.32 12.50
C TYR B 105 -0.06 -19.50 14.00
N THR B 106 0.58 -20.57 14.47
CA THR B 106 0.72 -20.79 15.91
C THR B 106 1.62 -19.76 16.61
N SER B 107 2.56 -19.15 15.89
CA SER B 107 3.49 -18.13 16.45
C SER B 107 2.98 -16.67 16.24
N GLY B 108 2.00 -16.47 15.37
CA GLY B 108 1.45 -15.14 15.13
C GLY B 108 2.32 -14.25 14.29
N THR B 109 3.06 -14.86 13.35
CA THR B 109 3.84 -14.06 12.45
C THR B 109 3.31 -14.22 11.01
N HIS B 110 3.02 -13.11 10.33
CA HIS B 110 2.44 -13.13 9.00
C HIS B 110 3.10 -11.93 8.28
N TYR B 111 3.85 -12.20 7.20
CA TYR B 111 4.55 -11.12 6.48
C TYR B 111 4.82 -11.48 5.02
N PHE B 112 5.31 -10.49 4.27
CA PHE B 112 5.42 -10.61 2.82
C PHE B 112 6.84 -10.40 2.38
N ASP B 113 7.48 -11.50 1.98
CA ASP B 113 8.89 -11.46 1.81
C ASP B 113 9.33 -11.32 0.35
N HIS B 114 8.44 -11.54 -0.63
CA HIS B 114 8.80 -11.31 -2.03
C HIS B 114 7.60 -10.78 -2.72
N TRP B 115 7.78 -9.73 -3.48
CA TRP B 115 6.69 -9.02 -4.06
C TRP B 115 6.81 -8.99 -5.56
N GLY B 116 5.69 -8.93 -6.26
CA GLY B 116 5.77 -8.71 -7.68
C GLY B 116 5.94 -7.22 -7.98
N GLN B 117 5.71 -6.82 -9.21
CA GLN B 117 6.00 -5.46 -9.55
C GLN B 117 4.82 -4.51 -9.51
N GLY B 118 3.61 -5.08 -9.49
CA GLY B 118 2.34 -4.36 -9.39
C GLY B 118 1.67 -4.08 -10.73
N VAL B 119 0.34 -3.98 -10.79
CA VAL B 119 -0.30 -3.52 -12.00
C VAL B 119 -1.40 -2.54 -11.66
N LEU B 120 -1.46 -1.46 -12.44
CA LEU B 120 -2.43 -0.43 -12.19
C LEU B 120 -3.78 -0.82 -12.78
N VAL B 121 -4.82 -0.74 -11.99
CA VAL B 121 -6.17 -0.91 -12.52
C VAL B 121 -6.93 0.37 -12.21
N THR B 122 -7.41 0.99 -13.28
CA THR B 122 -8.20 2.20 -13.18
C THR B 122 -9.66 1.80 -13.42
N VAL B 123 -10.54 2.31 -12.58
CA VAL B 123 -11.98 2.05 -12.71
C VAL B 123 -12.64 3.33 -13.25
N SER B 124 -13.09 3.27 -14.50
CA SER B 124 -13.80 4.41 -15.10
C SER B 124 -14.76 3.94 -16.19
N SER B 125 -15.98 4.50 -16.23
CA SER B 125 -16.89 4.32 -17.37
C SER B 125 -16.61 5.31 -18.56
N ALA B 126 -15.62 6.18 -18.46
CA ALA B 126 -15.43 7.28 -19.41
C ALA B 126 -14.95 6.82 -20.79
N SER B 127 -15.41 7.56 -21.79
CA SER B 127 -14.92 7.52 -23.12
C SER B 127 -14.05 8.79 -23.30
N THR B 128 -13.32 8.86 -24.41
CA THR B 128 -12.44 9.97 -24.67
C THR B 128 -13.21 11.27 -24.55
N LYS B 129 -12.63 12.24 -23.85
CA LYS B 129 -13.35 13.51 -23.61
C LYS B 129 -12.33 14.60 -23.46
N GLY B 130 -12.44 15.70 -24.22
CA GLY B 130 -11.57 16.85 -24.04
C GLY B 130 -11.98 17.66 -22.79
N PRO B 131 -11.06 18.45 -22.25
CA PRO B 131 -11.28 19.17 -21.03
C PRO B 131 -12.08 20.46 -21.21
N SER B 132 -12.67 20.95 -20.14
CA SER B 132 -13.08 22.36 -20.04
C SER B 132 -11.96 23.05 -19.32
N VAL B 133 -11.68 24.27 -19.67
CA VAL B 133 -10.59 25.00 -19.04
C VAL B 133 -11.16 26.24 -18.43
N PHE B 134 -10.91 26.43 -17.14
CA PHE B 134 -11.46 27.51 -16.40
C PHE B 134 -10.32 28.37 -15.80
N PRO B 135 -10.48 29.67 -15.84
CA PRO B 135 -9.48 30.52 -15.22
C PRO B 135 -9.52 30.50 -13.71
N LEU B 136 -8.32 30.64 -13.14
CA LEU B 136 -8.15 30.84 -11.71
C LEU B 136 -7.56 32.26 -11.50
N ALA B 137 -8.41 33.23 -11.32
CA ALA B 137 -8.08 34.61 -11.23
C ALA B 137 -7.62 34.96 -9.82
N PRO B 138 -6.67 35.88 -9.73
CA PRO B 138 -6.23 36.34 -8.43
C PRO B 138 -7.24 37.29 -7.84
N SER B 139 -7.40 37.23 -6.51
CA SER B 139 -8.33 38.10 -5.74
C SER B 139 -7.69 39.46 -5.39
N SER B 140 -7.97 40.00 -4.19
CA SER B 140 -7.37 41.28 -3.67
C SER B 140 -7.12 41.26 -2.16
N SER B 144 1.29 38.27 0.76
CA SER B 144 0.19 39.20 0.47
C SER B 144 0.41 40.04 -0.81
N GLU B 145 0.35 41.37 -0.73
CA GLU B 145 0.04 42.20 -1.92
C GLU B 145 1.23 42.48 -2.89
N SER B 146 2.44 41.96 -2.66
CA SER B 146 3.53 42.10 -3.66
C SER B 146 3.30 41.18 -4.87
N THR B 147 2.97 39.91 -4.62
CA THR B 147 2.74 38.92 -5.69
C THR B 147 1.35 38.29 -5.61
N ALA B 148 0.92 37.70 -6.73
CA ALA B 148 -0.35 36.95 -6.82
C ALA B 148 -0.20 35.70 -7.66
N ALA B 149 -0.84 34.63 -7.19
CA ALA B 149 -1.04 33.39 -7.93
C ALA B 149 -2.25 33.43 -8.92
N LEU B 150 -2.03 32.97 -10.14
CA LEU B 150 -3.10 32.81 -11.12
C LEU B 150 -2.92 31.51 -11.84
N GLY B 151 -4.01 31.02 -12.41
CA GLY B 151 -3.96 29.69 -13.00
C GLY B 151 -5.05 29.30 -13.96
N CYS B 152 -5.07 28.01 -14.39
CA CYS B 152 -6.07 27.37 -15.24
C CYS B 152 -6.36 26.05 -14.60
N LEU B 153 -7.62 25.80 -14.44
CA LEU B 153 -8.18 24.54 -13.98
C LEU B 153 -8.56 23.81 -15.26
N VAL B 154 -7.93 22.64 -15.48
CA VAL B 154 -8.21 21.77 -16.61
C VAL B 154 -9.06 20.63 -16.13
N LYS B 155 -10.39 20.71 -16.41
CA LYS B 155 -11.33 19.87 -15.79
C LYS B 155 -11.92 18.81 -16.73
N ASP B 156 -12.07 17.60 -16.19
CA ASP B 156 -12.96 16.55 -16.72
C ASP B 156 -12.48 16.08 -18.11
N TYR B 157 -11.28 15.56 -18.23
CA TYR B 157 -10.77 14.97 -19.46
C TYR B 157 -10.49 13.47 -19.27
N PHE B 158 -10.43 12.77 -20.38
CA PHE B 158 -10.04 11.33 -20.39
C PHE B 158 -9.55 10.97 -21.79
N PRO B 159 -8.51 10.12 -21.92
CA PRO B 159 -7.62 9.67 -20.86
C PRO B 159 -6.54 10.72 -20.58
N GLU B 160 -5.51 10.39 -19.77
CA GLU B 160 -4.34 11.24 -19.69
C GLU B 160 -3.52 11.11 -20.93
N PRO B 161 -2.64 12.02 -21.23
CA PRO B 161 -2.32 13.22 -20.46
C PRO B 161 -2.80 14.54 -21.11
N VAL B 162 -2.69 15.60 -20.32
CA VAL B 162 -2.77 16.98 -20.74
C VAL B 162 -1.44 17.64 -20.47
N THR B 163 -1.02 18.51 -21.34
CA THR B 163 0.04 19.44 -21.04
C THR B 163 -0.41 20.89 -21.13
N VAL B 164 0.31 21.77 -20.47
CA VAL B 164 -0.01 23.18 -20.40
C VAL B 164 1.23 24.01 -20.58
N SER B 165 1.12 25.13 -21.31
CA SER B 165 2.15 26.14 -21.31
C SER B 165 1.44 27.47 -21.09
N TRP B 166 2.19 28.56 -20.97
CA TRP B 166 1.64 29.84 -20.77
C TRP B 166 2.18 30.86 -21.77
N ASN B 167 1.34 31.76 -22.21
CA ASN B 167 1.73 32.75 -23.22
C ASN B 167 2.59 32.11 -24.34
N SER B 168 2.13 30.96 -24.85
CA SER B 168 2.81 30.20 -25.91
C SER B 168 4.26 29.99 -25.61
N GLY B 169 4.59 29.66 -24.35
CA GLY B 169 5.98 29.37 -23.97
C GLY B 169 6.78 30.60 -23.59
N SER B 170 6.19 31.76 -23.58
CA SER B 170 6.90 32.96 -23.20
C SER B 170 6.99 33.19 -21.70
N LEU B 171 6.10 32.49 -20.96
CA LEU B 171 6.09 32.52 -19.51
C LEU B 171 6.46 31.18 -19.04
N THR B 172 7.62 31.03 -18.42
CA THR B 172 8.04 29.80 -17.74
C THR B 172 8.45 29.97 -16.28
N SER B 173 8.86 31.17 -15.86
CA SER B 173 9.27 31.36 -14.45
C SER B 173 8.08 31.38 -13.50
N GLY B 174 8.17 30.59 -12.45
CA GLY B 174 7.12 30.53 -11.47
C GLY B 174 5.91 29.75 -11.95
N VAL B 175 6.05 29.02 -13.07
CA VAL B 175 5.01 28.13 -13.56
C VAL B 175 5.17 26.79 -12.85
N HIS B 176 4.05 26.26 -12.39
CA HIS B 176 3.93 24.93 -11.98
C HIS B 176 2.64 24.23 -12.46
N THR B 177 2.81 23.06 -13.05
CA THR B 177 1.69 22.31 -13.53
C THR B 177 1.64 21.03 -12.70
N PHE B 178 0.52 20.83 -11.98
CA PHE B 178 0.34 19.73 -11.10
C PHE B 178 0.02 18.43 -11.83
N PRO B 179 0.29 17.28 -11.17
CA PRO B 179 -0.25 16.01 -11.61
C PRO B 179 -1.77 16.00 -11.58
N ALA B 180 -2.38 15.11 -12.33
CA ALA B 180 -3.80 15.00 -12.38
C ALA B 180 -4.34 14.24 -11.19
N VAL B 181 -5.61 14.54 -10.81
CA VAL B 181 -6.40 13.71 -9.98
C VAL B 181 -7.43 13.01 -10.84
N LEU B 182 -7.87 11.85 -10.37
CA LEU B 182 -9.01 11.13 -10.93
C LEU B 182 -10.19 11.23 -10.02
N GLN B 183 -11.24 11.89 -10.48
CA GLN B 183 -12.39 12.05 -9.63
C GLN B 183 -13.27 10.78 -9.72
N SER B 184 -14.15 10.61 -8.78
CA SER B 184 -15.05 9.46 -8.73
C SER B 184 -16.03 9.46 -9.91
N SER B 185 -16.09 10.55 -10.67
CA SER B 185 -16.81 10.57 -11.92
C SER B 185 -16.12 9.75 -12.99
N GLY B 186 -14.86 9.36 -12.79
CA GLY B 186 -14.11 8.64 -13.80
C GLY B 186 -13.24 9.49 -14.74
N LEU B 187 -13.25 10.80 -14.53
CA LEU B 187 -12.59 11.76 -15.34
C LEU B 187 -11.44 12.45 -14.54
N TYR B 188 -10.40 12.79 -15.25
CA TYR B 188 -9.23 13.47 -14.65
C TYR B 188 -9.40 15.00 -14.66
N SER B 189 -8.67 15.67 -13.77
CA SER B 189 -8.49 17.14 -13.73
C SER B 189 -7.09 17.46 -13.28
N LEU B 190 -6.56 18.63 -13.68
CA LEU B 190 -5.31 19.17 -13.15
C LEU B 190 -5.37 20.69 -13.16
N SER B 191 -4.39 21.30 -12.58
CA SER B 191 -4.26 22.72 -12.58
C SER B 191 -2.83 23.08 -12.92
N SER B 192 -2.68 24.25 -13.45
CA SER B 192 -1.40 24.90 -13.67
C SER B 192 -1.48 26.30 -13.10
N VAL B 193 -0.44 26.70 -12.41
CA VAL B 193 -0.43 27.96 -11.76
C VAL B 193 0.87 28.73 -12.08
N VAL B 194 0.79 30.04 -12.00
CA VAL B 194 1.96 30.87 -12.02
C VAL B 194 1.85 32.03 -11.06
N THR B 195 2.98 32.40 -10.44
CA THR B 195 3.11 33.56 -9.55
C THR B 195 3.63 34.74 -10.31
N VAL B 196 2.96 35.89 -10.19
CA VAL B 196 3.34 37.09 -10.94
C VAL B 196 3.28 38.32 -10.01
N PRO B 197 3.82 39.49 -10.45
CA PRO B 197 3.80 40.68 -9.62
C PRO B 197 2.42 41.33 -9.59
N SER B 198 1.94 41.62 -8.38
CA SER B 198 0.58 42.14 -8.22
C SER B 198 0.43 43.54 -8.78
N GLY B 202 -0.40 42.95 -13.21
CA GLY B 202 -1.77 42.65 -13.55
C GLY B 202 -2.33 43.60 -14.58
N THR B 203 -1.46 44.33 -15.27
CA THR B 203 -1.84 45.13 -16.45
C THR B 203 -1.47 44.42 -17.76
N GLN B 204 -0.65 43.36 -17.68
CA GLN B 204 -0.19 42.61 -18.85
C GLN B 204 -0.93 41.25 -18.96
N THR B 205 -0.59 40.47 -19.99
CA THR B 205 -1.48 39.44 -20.53
C THR B 205 -1.04 37.99 -20.19
N TYR B 206 -1.95 37.14 -19.68
CA TYR B 206 -1.63 35.74 -19.31
C TYR B 206 -2.65 34.76 -19.93
N VAL B 207 -2.17 33.87 -20.77
CA VAL B 207 -3.00 32.89 -21.47
C VAL B 207 -2.47 31.50 -21.21
N CYS B 208 -3.26 30.59 -20.68
CA CYS B 208 -2.78 29.18 -20.62
C CYS B 208 -3.13 28.45 -21.89
N ASN B 209 -2.20 27.68 -22.37
CA ASN B 209 -2.37 26.92 -23.56
C ASN B 209 -2.41 25.45 -23.21
N VAL B 210 -3.52 24.81 -23.42
CA VAL B 210 -3.79 23.48 -22.92
C VAL B 210 -3.83 22.54 -24.11
N ASN B 211 -3.11 21.43 -24.05
CA ASN B 211 -3.16 20.40 -25.07
C ASN B 211 -3.65 19.05 -24.52
N HIS B 212 -4.62 18.47 -25.18
CA HIS B 212 -5.15 17.14 -24.91
C HIS B 212 -5.19 16.37 -26.21
N LYS B 213 -4.07 15.74 -26.53
CA LYS B 213 -3.89 14.98 -27.76
C LYS B 213 -4.92 13.87 -27.99
N PRO B 214 -5.27 13.10 -26.96
CA PRO B 214 -6.25 12.00 -27.16
C PRO B 214 -7.63 12.43 -27.73
N SER B 215 -8.10 13.65 -27.41
CA SER B 215 -9.32 14.15 -28.04
C SER B 215 -9.01 15.14 -29.14
N ASN B 216 -7.74 15.29 -29.48
CA ASN B 216 -7.27 16.29 -30.45
C ASN B 216 -7.71 17.72 -30.17
N THR B 217 -7.67 18.09 -28.89
CA THR B 217 -8.17 19.34 -28.38
C THR B 217 -6.96 20.24 -27.97
N LYS B 218 -6.97 21.49 -28.41
CA LYS B 218 -6.14 22.57 -27.84
C LYS B 218 -7.06 23.67 -27.38
N VAL B 219 -6.76 24.25 -26.21
CA VAL B 219 -7.53 25.33 -25.61
C VAL B 219 -6.59 26.50 -25.20
N ASP B 220 -6.95 27.71 -25.58
CA ASP B 220 -6.30 28.93 -25.06
C ASP B 220 -7.28 29.66 -24.25
N LYS B 221 -6.94 29.93 -22.99
CA LYS B 221 -7.77 30.67 -22.09
C LYS B 221 -7.00 31.85 -21.46
N ARG B 222 -7.59 33.02 -21.58
CA ARG B 222 -7.06 34.22 -21.03
C ARG B 222 -7.46 34.28 -19.58
N VAL B 223 -6.52 34.59 -18.70
CA VAL B 223 -6.81 34.70 -17.28
C VAL B 223 -6.76 36.12 -16.87
N GLU B 224 -7.92 36.68 -16.53
CA GLU B 224 -8.08 38.11 -16.28
C GLU B 224 -8.57 38.35 -14.82
N ILE B 225 -8.36 39.55 -14.32
CA ILE B 225 -9.01 39.93 -13.09
C ILE B 225 -10.52 40.05 -13.34
N SER C 2 -9.00 2.02 8.88
CA SER C 2 -8.54 0.98 9.85
C SER C 2 -7.06 0.58 9.63
N VAL C 3 -6.15 1.31 10.27
CA VAL C 3 -4.70 1.18 10.04
C VAL C 3 -3.99 1.38 11.38
N LEU C 4 -2.77 0.83 11.53
CA LEU C 4 -1.93 1.09 12.67
C LEU C 4 -1.40 2.51 12.48
N THR C 5 -1.18 3.27 13.54
CA THR C 5 -0.96 4.72 13.37
C THR C 5 0.50 5.03 13.24
N GLN C 6 0.89 5.75 12.16
CA GLN C 6 2.29 6.17 11.96
C GLN C 6 2.32 7.65 11.68
N PRO C 7 3.43 8.31 12.00
CA PRO C 7 3.53 9.72 11.62
C PRO C 7 3.64 9.89 10.10
N PRO C 8 2.98 10.91 9.52
CA PRO C 8 3.11 11.04 8.09
C PRO C 8 4.49 11.34 7.55
N SER C 9 5.24 12.13 8.27
CA SER C 9 6.58 12.52 7.90
C SER C 9 7.59 12.32 9.07
N VAL C 10 8.76 11.79 8.70
CA VAL C 10 9.94 11.77 9.60
C VAL C 10 11.12 12.22 8.76
N SER C 11 11.94 13.08 9.34
CA SER C 11 13.04 13.63 8.58
C SER C 11 14.22 13.99 9.48
N ALA C 12 15.42 14.01 8.88
CA ALA C 12 16.66 14.43 9.54
C ALA C 12 17.71 14.73 8.49
N ALA C 13 18.70 15.52 8.87
CA ALA C 13 19.89 15.77 8.04
C ALA C 13 20.67 14.44 7.81
N PRO C 14 21.49 14.43 6.74
CA PRO C 14 22.24 13.21 6.49
C PRO C 14 23.09 12.85 7.67
N GLY C 15 23.16 11.58 7.98
CA GLY C 15 24.05 11.04 8.98
C GLY C 15 23.39 10.99 10.36
N GLN C 16 22.20 11.54 10.50
CA GLN C 16 21.50 11.52 11.75
C GLN C 16 20.73 10.24 11.95
N LYS C 17 20.20 10.08 13.15
CA LYS C 17 19.44 8.94 13.50
C LYS C 17 17.95 9.36 13.58
N VAL C 18 17.01 8.49 13.19
CA VAL C 18 15.60 8.77 13.34
C VAL C 18 14.89 7.52 13.86
N THR C 19 13.67 7.70 14.36
CA THR C 19 12.82 6.59 14.64
C THR C 19 11.42 6.84 14.06
N ILE C 20 10.75 5.75 13.67
CA ILE C 20 9.39 5.77 13.16
C ILE C 20 8.51 4.90 14.05
N SER C 21 7.47 5.50 14.60
CA SER C 21 6.54 4.80 15.51
C SER C 21 5.37 4.20 14.73
N CYS C 22 4.71 3.25 15.34
CA CYS C 22 3.68 2.42 14.72
C CYS C 22 2.83 1.97 15.89
N SER C 23 1.66 2.55 16.07
CA SER C 23 0.86 2.11 17.23
C SER C 23 -0.45 1.45 16.89
N GLY C 24 -0.79 0.45 17.66
CA GLY C 24 -1.90 -0.39 17.36
C GLY C 24 -2.58 -0.76 18.64
N SER C 25 -2.88 -2.04 18.79
CA SER C 25 -3.59 -2.53 19.97
C SER C 25 -3.21 -3.94 20.32
N SER C 26 -3.73 -4.47 21.44
CA SER C 26 -3.28 -5.73 21.92
C SER C 26 -3.65 -6.92 20.99
N SER C 27 -4.70 -6.77 20.17
CA SER C 27 -5.11 -7.85 19.22
C SER C 27 -4.18 -7.90 17.94
N ASN C 28 -3.34 -6.90 17.78
CA ASN C 28 -2.34 -6.93 16.70
C ASN C 28 -0.90 -6.85 17.21
N ILE C 29 -0.35 -5.65 17.32
CA ILE C 29 1.07 -5.44 17.72
C ILE C 29 1.26 -6.06 19.09
N GLY C 30 0.33 -5.82 20.00
CA GLY C 30 0.35 -6.51 21.33
C GLY C 30 0.63 -8.00 21.32
N ARG C 31 0.02 -8.75 20.42
CA ARG C 31 0.17 -10.23 20.44
C ARG C 31 0.92 -10.85 19.25
N SER C 32 1.20 -10.06 18.18
CA SER C 32 1.73 -10.60 16.95
C SER C 32 3.09 -10.03 16.66
N TYR C 33 3.83 -10.70 15.78
CA TYR C 33 5.12 -10.13 15.29
C TYR C 33 4.86 -9.05 14.30
N VAL C 34 5.76 -8.06 14.26
CA VAL C 34 5.64 -6.91 13.40
C VAL C 34 6.64 -6.96 12.23
N SER C 35 6.18 -6.58 11.04
CA SER C 35 7.05 -6.45 9.89
C SER C 35 7.06 -5.02 9.44
N TRP C 36 8.11 -4.65 8.70
CA TRP C 36 8.26 -3.32 8.17
C TRP C 36 8.66 -3.48 6.69
N TYR C 37 8.12 -2.57 5.89
CA TYR C 37 8.29 -2.55 4.47
C TYR C 37 8.76 -1.13 4.07
N GLN C 38 9.64 -1.10 3.07
CA GLN C 38 10.24 0.12 2.53
C GLN C 38 9.82 0.17 1.06
N GLN C 39 9.27 1.29 0.63
CA GLN C 39 8.76 1.42 -0.68
C GLN C 39 9.27 2.75 -1.29
N VAL C 40 10.03 2.65 -2.38
CA VAL C 40 10.26 3.86 -3.23
C VAL C 40 9.02 4.10 -4.09
N PRO C 41 8.43 5.33 -4.09
CA PRO C 41 7.27 5.47 -4.98
C PRO C 41 7.50 4.99 -6.42
N GLY C 42 6.45 4.34 -6.94
CA GLY C 42 6.37 3.77 -8.27
C GLY C 42 6.97 2.40 -8.35
N ALA C 43 7.47 1.89 -7.23
CA ALA C 43 8.07 0.55 -7.13
C ALA C 43 7.34 -0.18 -6.01
N ALA C 44 7.40 -1.49 -6.07
CA ALA C 44 6.79 -2.33 -5.10
C ALA C 44 7.50 -2.13 -3.74
N PRO C 45 6.78 -2.25 -2.62
CA PRO C 45 7.45 -2.46 -1.30
C PRO C 45 8.42 -3.62 -1.27
N LYS C 46 9.42 -3.52 -0.38
CA LYS C 46 10.23 -4.66 -0.05
C LYS C 46 10.25 -4.88 1.48
N LEU C 47 10.45 -6.12 1.89
CA LEU C 47 10.55 -6.45 3.29
C LEU C 47 11.86 -5.88 3.88
N LEU C 48 11.72 -5.16 4.98
CA LEU C 48 12.80 -4.54 5.66
C LEU C 48 13.12 -5.19 7.00
N ILE C 49 12.06 -5.57 7.71
CA ILE C 49 12.12 -6.19 9.02
C ILE C 49 10.96 -7.20 9.09
N TYR C 50 11.24 -8.36 9.62
CA TYR C 50 10.20 -9.36 9.92
C TYR C 50 10.48 -9.92 11.30
N ASP C 51 9.49 -10.63 11.86
CA ASP C 51 9.59 -11.16 13.21
C ASP C 51 10.06 -10.12 14.21
N THR C 52 9.53 -8.92 14.06
CA THR C 52 9.72 -7.73 14.95
C THR C 52 11.11 -7.05 14.92
N ASN C 53 12.19 -7.83 14.80
CA ASN C 53 13.52 -7.27 14.88
C ASN C 53 14.54 -7.99 14.04
N LYS C 54 14.08 -8.84 13.11
CA LYS C 54 14.98 -9.57 12.21
C LYS C 54 15.10 -8.90 10.85
N ARG C 55 16.33 -8.90 10.33
CA ARG C 55 16.63 -8.30 9.02
C ARG C 55 16.86 -9.38 7.95
N PRO C 56 16.16 -9.29 6.82
CA PRO C 56 16.47 -10.10 5.66
C PRO C 56 17.84 -9.74 5.05
N SER C 57 18.36 -10.60 4.19
CA SER C 57 19.61 -10.28 3.47
C SER C 57 19.51 -9.01 2.72
N GLY C 58 20.58 -8.24 2.74
CA GLY C 58 20.61 -6.97 2.02
C GLY C 58 20.20 -5.79 2.88
N VAL C 59 19.68 -6.00 4.09
CA VAL C 59 19.28 -4.88 4.94
C VAL C 59 20.36 -4.67 5.97
N SER C 60 20.90 -3.45 6.06
CA SER C 60 22.04 -3.27 6.96
C SER C 60 21.55 -3.13 8.33
N ASP C 61 22.48 -3.30 9.25
CA ASP C 61 22.27 -3.09 10.65
C ASP C 61 22.13 -1.64 11.10
N ARG C 62 22.08 -0.70 10.19
CA ARG C 62 21.61 0.63 10.53
C ARG C 62 20.09 0.63 10.86
N PHE C 63 19.40 -0.42 10.40
CA PHE C 63 17.95 -0.54 10.60
C PHE C 63 17.67 -1.48 11.76
N SER C 64 16.86 -1.06 12.73
CA SER C 64 16.50 -2.03 13.80
C SER C 64 15.06 -1.87 14.26
N GLY C 65 14.41 -2.98 14.56
CA GLY C 65 13.00 -2.91 14.92
C GLY C 65 12.83 -3.40 16.33
N SER C 66 11.72 -3.01 16.92
CA SER C 66 11.40 -3.41 18.28
C SER C 66 9.94 -3.17 18.52
N LYS C 67 9.49 -3.60 19.66
CA LYS C 67 8.12 -3.28 20.07
C LYS C 67 8.04 -3.21 21.59
N SER C 68 7.08 -2.45 22.07
CA SER C 68 6.80 -2.34 23.50
C SER C 68 5.28 -2.27 23.69
N GLY C 69 4.67 -3.25 24.31
CA GLY C 69 3.21 -3.33 24.45
C GLY C 69 2.51 -3.33 23.08
N SER C 70 1.73 -2.30 22.80
CA SER C 70 1.02 -2.20 21.53
C SER C 70 1.59 -1.22 20.54
N SER C 71 2.81 -0.74 20.77
CA SER C 71 3.57 0.05 19.80
C SER C 71 4.87 -0.59 19.34
N ALA C 72 5.23 -0.33 18.08
CA ALA C 72 6.45 -0.81 17.53
C ALA C 72 7.21 0.38 17.02
N SER C 73 8.45 0.15 16.66
CA SER C 73 9.31 1.22 16.31
C SER C 73 10.45 0.76 15.41
N LEU C 74 10.78 1.61 14.44
CA LEU C 74 11.88 1.36 13.49
C LEU C 74 12.88 2.48 13.70
N ALA C 75 14.10 2.13 14.11
CA ALA C 75 15.15 3.13 14.29
C ALA C 75 16.11 2.99 13.08
N ILE C 76 16.58 4.12 12.60
CA ILE C 76 17.54 4.15 11.47
C ILE C 76 18.68 5.08 11.84
N THR C 77 19.91 4.59 11.82
CA THR C 77 21.06 5.43 11.99
C THR C 77 21.71 5.66 10.64
N GLY C 78 22.56 6.68 10.58
CA GLY C 78 23.36 7.03 9.42
C GLY C 78 22.47 7.35 8.27
N LEU C 79 21.47 8.19 8.51
CA LEU C 79 20.45 8.42 7.50
C LEU C 79 21.11 8.86 6.21
N GLN C 80 20.59 8.38 5.11
CA GLN C 80 21.20 8.70 3.81
C GLN C 80 20.20 8.56 2.69
N THR C 81 20.55 9.06 1.52
CA THR C 81 19.72 9.09 0.32
C THR C 81 19.00 7.79 -0.02
N GLY C 82 19.74 6.70 0.05
CA GLY C 82 19.23 5.35 -0.12
C GLY C 82 18.09 4.94 0.76
N ASP C 83 17.93 5.61 1.90
CA ASP C 83 16.83 5.34 2.84
C ASP C 83 15.51 6.10 2.58
N GLU C 84 15.51 7.04 1.66
CA GLU C 84 14.36 7.90 1.39
C GLU C 84 13.29 7.07 0.69
N ALA C 85 12.13 6.98 1.31
CA ALA C 85 11.11 6.02 0.89
C ALA C 85 9.90 6.21 1.77
N ASP C 86 8.84 5.49 1.46
CA ASP C 86 7.71 5.37 2.37
C ASP C 86 7.88 4.09 3.14
N TYR C 87 7.62 4.14 4.44
CA TYR C 87 7.77 3.03 5.34
C TYR C 87 6.43 2.64 5.96
N TYR C 88 6.16 1.34 5.91
CA TYR C 88 4.91 0.77 6.47
C TYR C 88 5.24 -0.34 7.46
N CYS C 89 4.62 -0.28 8.64
CA CYS C 89 4.60 -1.43 9.53
C CYS C 89 3.40 -2.29 9.18
N GLY C 90 3.41 -3.49 9.70
CA GLY C 90 2.34 -4.42 9.52
C GLY C 90 2.33 -5.51 10.56
N ALA C 91 1.17 -6.10 10.78
CA ALA C 91 1.06 -7.13 11.79
C ALA C 91 -0.25 -7.87 11.62
N TRP C 92 -0.27 -9.16 11.92
CA TRP C 92 -1.47 -9.91 11.89
C TRP C 92 -2.37 -9.45 13.07
N ASP C 93 -3.65 -9.30 12.80
CA ASP C 93 -4.61 -9.18 13.87
C ASP C 93 -5.28 -10.51 14.16
N GLY C 94 -4.97 -11.07 15.32
CA GLY C 94 -5.47 -12.35 15.72
C GLY C 94 -6.95 -12.36 16.13
N SER C 95 -7.61 -11.21 16.19
CA SER C 95 -9.05 -11.25 16.53
C SER C 95 -9.85 -11.11 15.23
N LEU C 96 -9.41 -10.24 14.34
CA LEU C 96 -10.10 -9.99 13.07
C LEU C 96 -9.64 -10.88 11.93
N ASN C 97 -8.48 -11.51 12.15
CA ASN C 97 -7.85 -12.41 11.18
C ASN C 97 -7.53 -11.71 9.89
N VAL C 98 -6.79 -10.61 9.99
CA VAL C 98 -6.38 -9.79 8.82
C VAL C 98 -4.96 -9.37 9.07
N HIS C 99 -4.21 -9.12 7.99
CA HIS C 99 -2.99 -8.39 8.12
C HIS C 99 -3.33 -6.91 8.12
N ILE C 100 -2.87 -6.18 9.13
CA ILE C 100 -3.20 -4.78 9.16
C ILE C 100 -1.94 -4.00 8.93
N PHE C 101 -1.97 -3.11 7.95
CA PHE C 101 -0.78 -2.28 7.67
C PHE C 101 -0.90 -0.96 8.43
N GLY C 102 0.22 -0.30 8.70
CA GLY C 102 0.21 1.09 9.19
C GLY C 102 -0.10 2.10 8.11
N SER C 103 -0.32 3.35 8.51
CA SER C 103 -0.80 4.39 7.61
C SER C 103 0.34 4.96 6.72
N GLY C 104 1.59 4.62 7.00
CA GLY C 104 2.64 5.05 6.11
C GLY C 104 3.39 6.28 6.58
N THR C 105 4.73 6.29 6.44
CA THR C 105 5.57 7.45 6.82
C THR C 105 6.53 7.70 5.70
N LYS C 106 6.58 8.95 5.22
CA LYS C 106 7.58 9.36 4.24
C LYS C 106 8.82 9.80 5.00
N LEU C 107 9.92 9.13 4.73
CA LEU C 107 11.22 9.54 5.31
C LEU C 107 11.99 10.38 4.34
N THR C 108 12.38 11.56 4.80
CA THR C 108 13.14 12.51 3.98
C THR C 108 14.50 12.78 4.65
N VAL C 109 15.54 12.78 3.83
CA VAL C 109 16.87 13.21 4.18
C VAL C 109 16.96 14.67 3.85
N LEU C 110 17.09 15.53 4.86
CA LEU C 110 16.95 16.97 4.68
C LEU C 110 18.12 17.56 3.92
N GLY C 111 17.85 18.02 2.70
CA GLY C 111 18.88 18.56 1.82
C GLY C 111 18.78 20.09 1.66
N GLN C 112 17.81 20.70 2.32
CA GLN C 112 17.53 22.12 2.16
C GLN C 112 16.66 22.58 3.40
N PRO C 113 16.60 23.87 3.67
CA PRO C 113 15.78 24.41 4.85
C PRO C 113 14.34 23.91 4.81
N LYS C 114 13.82 23.42 5.90
CA LYS C 114 12.39 23.22 6.07
C LYS C 114 11.69 24.54 5.79
N ALA C 115 10.52 24.45 5.21
CA ALA C 115 9.80 25.64 4.83
C ALA C 115 8.29 25.37 4.87
N SER C 116 7.57 26.34 5.42
CA SER C 116 6.12 26.24 5.58
C SER C 116 5.39 26.46 4.30
N PRO C 117 4.21 25.84 4.13
CA PRO C 117 3.43 26.06 2.89
C PRO C 117 2.78 27.40 2.74
N LEU C 118 2.74 27.88 1.50
CA LEU C 118 1.92 29.04 1.12
C LEU C 118 0.62 28.41 0.53
N VAL C 119 -0.51 28.89 0.99
CA VAL C 119 -1.77 28.32 0.57
C VAL C 119 -2.60 29.37 -0.13
N THR C 120 -3.10 29.05 -1.28
CA THR C 120 -4.06 29.89 -2.01
C THR C 120 -5.28 29.13 -2.35
N LEU C 121 -6.42 29.61 -1.88
CA LEU C 121 -7.69 28.96 -2.18
C LEU C 121 -8.49 29.74 -3.24
N PHE C 122 -8.77 29.11 -4.38
CA PHE C 122 -9.58 29.71 -5.45
C PHE C 122 -10.99 29.29 -5.31
N PRO C 123 -11.90 30.27 -5.25
CA PRO C 123 -13.33 29.87 -5.29
C PRO C 123 -13.64 29.41 -6.75
N PRO C 124 -14.80 28.81 -6.98
CA PRO C 124 -15.16 28.52 -8.40
C PRO C 124 -15.19 29.73 -9.28
N SER C 125 -14.70 29.58 -10.51
CA SER C 125 -14.77 30.70 -11.47
C SER C 125 -16.21 31.01 -11.85
N SER C 126 -16.49 32.24 -12.23
CA SER C 126 -17.77 32.52 -12.86
C SER C 126 -18.04 31.63 -14.10
N GLU C 127 -17.00 31.27 -14.86
CA GLU C 127 -17.20 30.40 -16.01
C GLU C 127 -17.65 29.01 -15.59
N GLU C 128 -17.09 28.48 -14.49
CA GLU C 128 -17.50 27.16 -14.13
C GLU C 128 -18.93 27.21 -13.54
N LEU C 129 -19.24 28.23 -12.78
CA LEU C 129 -20.63 28.36 -12.28
C LEU C 129 -21.67 28.55 -13.42
N GLN C 130 -21.24 29.15 -14.54
CA GLN C 130 -22.12 29.23 -15.75
C GLN C 130 -22.50 27.85 -16.25
N ALA C 131 -21.63 26.88 -16.01
CA ALA C 131 -21.87 25.51 -16.39
C ALA C 131 -22.42 24.71 -15.23
N ASN C 132 -22.88 25.37 -14.17
CA ASN C 132 -23.58 24.69 -13.06
C ASN C 132 -22.73 23.79 -12.11
N LYS C 133 -21.43 24.07 -12.09
CA LYS C 133 -20.45 23.36 -11.33
C LYS C 133 -19.62 24.34 -10.52
N ALA C 134 -18.98 23.83 -9.49
CA ALA C 134 -18.21 24.64 -8.62
C ALA C 134 -17.03 23.77 -8.05
N THR C 135 -15.83 24.01 -8.48
CA THR C 135 -14.70 23.37 -7.94
C THR C 135 -13.89 24.39 -7.21
N LEU C 136 -13.62 24.12 -5.95
CA LEU C 136 -12.72 24.92 -5.15
C LEU C 136 -11.33 24.30 -5.31
N VAL C 137 -10.34 25.17 -5.47
CA VAL C 137 -8.98 24.74 -5.77
C VAL C 137 -8.01 25.30 -4.73
N CYS C 138 -7.46 24.41 -3.92
CA CYS C 138 -6.56 24.77 -2.86
C CYS C 138 -5.14 24.42 -3.37
N LEU C 139 -4.37 25.44 -3.62
CA LEU C 139 -3.03 25.29 -4.12
C LEU C 139 -2.03 25.57 -3.01
N ILE C 140 -1.08 24.65 -2.90
CA ILE C 140 -0.19 24.62 -1.77
C ILE C 140 1.27 24.60 -2.28
N SER C 141 2.07 25.55 -1.86
CA SER C 141 3.36 25.72 -2.55
C SER C 141 4.49 26.05 -1.61
N ASP C 142 5.69 25.82 -2.08
CA ASP C 142 6.92 26.27 -1.45
C ASP C 142 7.21 25.63 -0.10
N PHE C 143 6.84 24.38 0.09
CA PHE C 143 7.06 23.67 1.34
C PHE C 143 8.14 22.59 1.26
N TYR C 144 8.71 22.30 2.41
CA TYR C 144 9.66 21.21 2.56
C TYR C 144 9.70 20.79 4.06
N PRO C 145 9.76 19.51 4.38
CA PRO C 145 9.72 18.38 3.47
C PRO C 145 8.37 18.21 2.80
N GLY C 146 8.32 17.26 1.88
CA GLY C 146 7.20 17.14 0.94
C GLY C 146 6.08 16.28 1.43
N VAL C 147 5.53 16.64 2.55
CA VAL C 147 4.40 15.94 3.17
C VAL C 147 3.40 16.94 3.72
N VAL C 148 2.15 16.86 3.28
CA VAL C 148 1.05 17.66 3.85
C VAL C 148 -0.19 16.82 4.11
N LYS C 149 -1.01 17.24 5.05
CA LYS C 149 -2.35 16.73 5.15
C LYS C 149 -3.31 17.86 4.84
N VAL C 150 -4.39 17.56 4.11
CA VAL C 150 -5.38 18.59 3.77
C VAL C 150 -6.74 18.24 4.24
N ALA C 151 -7.41 19.14 4.93
CA ALA C 151 -8.81 18.91 5.40
C ALA C 151 -9.69 20.04 4.88
N TRP C 152 -10.90 19.69 4.48
CA TRP C 152 -11.87 20.68 4.06
C TRP C 152 -13.03 20.74 4.99
N LYS C 153 -13.57 21.95 5.13
CA LYS C 153 -14.76 22.19 5.88
C LYS C 153 -15.74 23.06 5.12
N ALA C 154 -17.03 22.85 5.39
CA ALA C 154 -18.11 23.66 4.87
C ALA C 154 -18.85 24.13 6.14
N ASP C 155 -19.02 25.44 6.32
CA ASP C 155 -19.62 26.02 7.58
C ASP C 155 -19.07 25.36 8.85
N GLY C 156 -17.80 25.07 8.85
CA GLY C 156 -17.15 24.51 10.00
C GLY C 156 -17.24 23.01 10.12
N ASN C 157 -18.06 22.34 9.32
CA ASN C 157 -18.14 20.89 9.36
C ASN C 157 -17.19 20.20 8.34
N SER C 158 -16.57 19.10 8.74
CA SER C 158 -15.73 18.30 7.86
C SER C 158 -16.46 17.86 6.64
N VAL C 159 -15.75 17.90 5.52
CA VAL C 159 -16.28 17.49 4.26
C VAL C 159 -15.46 16.32 3.84
N ASN C 160 -16.16 15.27 3.44
CA ASN C 160 -15.55 14.04 3.01
C ASN C 160 -15.73 13.83 1.51
N THR C 161 -16.92 14.13 1.00
CA THR C 161 -17.26 13.83 -0.37
C THR C 161 -16.74 14.88 -1.35
N GLY C 162 -16.23 14.42 -2.47
CA GLY C 162 -15.88 15.29 -3.61
C GLY C 162 -14.47 15.84 -3.46
N VAL C 163 -13.69 15.25 -2.54
CA VAL C 163 -12.30 15.71 -2.29
C VAL C 163 -11.29 14.83 -3.03
N GLU C 164 -10.38 15.46 -3.78
CA GLU C 164 -9.23 14.78 -4.33
C GLU C 164 -7.97 15.63 -4.11
N THR C 165 -6.82 15.00 -3.81
CA THR C 165 -5.63 15.73 -3.42
C THR C 165 -4.44 15.07 -4.10
N THR C 166 -3.53 15.82 -4.67
CA THR C 166 -2.36 15.22 -5.31
C THR C 166 -1.22 14.95 -4.29
N THR C 167 -0.30 14.09 -4.69
CA THR C 167 0.89 13.80 -3.92
C THR C 167 1.87 14.88 -4.17
N PRO C 168 2.48 15.46 -3.11
CA PRO C 168 3.45 16.57 -3.30
C PRO C 168 4.55 16.22 -4.26
N SER C 169 4.91 17.13 -5.12
CA SER C 169 6.04 16.86 -6.06
C SER C 169 6.75 18.17 -6.21
N LYS C 170 7.94 18.09 -6.74
CA LYS C 170 8.85 19.22 -6.80
C LYS C 170 8.49 20.32 -7.79
N GLN C 171 8.66 21.56 -7.37
CA GLN C 171 8.64 22.72 -8.19
C GLN C 171 9.99 22.89 -8.82
N SER C 172 10.07 23.81 -9.75
CA SER C 172 11.38 24.11 -10.37
C SER C 172 12.41 24.70 -9.39
N ASN C 173 11.97 25.36 -8.31
CA ASN C 173 12.92 25.82 -7.30
C ASN C 173 13.28 24.75 -6.25
N ASN C 174 12.86 23.50 -6.45
CA ASN C 174 13.17 22.39 -5.63
C ASN C 174 12.46 22.32 -4.24
N LYS C 175 11.55 23.24 -3.97
CA LYS C 175 10.57 22.99 -2.89
C LYS C 175 9.41 22.17 -3.47
N TYR C 176 8.47 21.78 -2.63
CA TYR C 176 7.34 20.99 -3.03
C TYR C 176 6.03 21.85 -3.16
N ALA C 177 5.15 21.36 -4.01
CA ALA C 177 3.75 21.81 -4.20
C ALA C 177 2.80 20.66 -4.24
N ALA C 178 1.58 20.93 -3.80
CA ALA C 178 0.50 20.00 -3.89
C ALA C 178 -0.81 20.80 -4.20
N SER C 179 -1.83 20.08 -4.58
CA SER C 179 -3.12 20.65 -4.98
C SER C 179 -4.21 19.78 -4.38
N SER C 180 -5.29 20.41 -3.98
CA SER C 180 -6.48 19.69 -3.54
C SER C 180 -7.74 20.37 -4.10
N TYR C 181 -8.76 19.58 -4.36
CA TYR C 181 -9.97 20.01 -5.03
C TYR C 181 -11.17 19.55 -4.19
N LEU C 182 -12.15 20.42 -4.04
CA LEU C 182 -13.49 20.08 -3.54
C LEU C 182 -14.47 20.34 -4.70
N SER C 183 -15.03 19.29 -5.29
CA SER C 183 -15.82 19.43 -6.46
C SER C 183 -17.30 19.35 -6.07
N LEU C 184 -18.05 20.45 -6.26
CA LEU C 184 -19.47 20.56 -5.99
C LEU C 184 -20.27 20.88 -7.26
N THR C 185 -21.60 20.80 -7.13
CA THR C 185 -22.47 21.53 -8.04
C THR C 185 -22.55 22.99 -7.62
N SER C 186 -23.00 23.87 -8.51
CA SER C 186 -23.23 25.30 -8.15
C SER C 186 -24.25 25.47 -7.02
N ASP C 187 -25.25 24.63 -7.04
CA ASP C 187 -26.28 24.69 -6.00
C ASP C 187 -25.73 24.27 -4.61
N GLN C 188 -24.89 23.24 -4.58
CA GLN C 188 -24.17 22.91 -3.35
C GLN C 188 -23.26 24.01 -2.86
N TRP C 189 -22.46 24.60 -3.75
CA TRP C 189 -21.62 25.74 -3.42
C TRP C 189 -22.44 26.83 -2.73
N LYS C 190 -23.58 27.18 -3.34
CA LYS C 190 -24.41 28.26 -2.77
C LYS C 190 -25.15 27.87 -1.50
N SER C 191 -25.15 26.61 -1.13
CA SER C 191 -25.92 26.19 0.04
C SER C 191 -25.16 26.41 1.36
N HIS C 192 -23.91 26.83 1.35
CA HIS C 192 -23.15 27.08 2.58
C HIS C 192 -22.63 28.52 2.59
N LYS C 193 -22.34 28.99 3.77
CA LYS C 193 -21.85 30.35 3.95
C LYS C 193 -20.35 30.47 3.81
N SER C 194 -19.63 29.41 4.12
CA SER C 194 -18.19 29.40 3.91
C SER C 194 -17.62 28.01 3.76
N TYR C 195 -16.41 27.96 3.19
CA TYR C 195 -15.69 26.77 2.99
C TYR C 195 -14.20 27.06 3.33
N SER C 196 -13.48 26.07 3.81
CA SER C 196 -12.05 26.29 4.11
C SER C 196 -11.25 25.05 3.78
N CYS C 197 -10.02 25.30 3.37
CA CYS C 197 -9.02 24.32 3.09
C CYS C 197 -7.98 24.49 4.22
N GLN C 198 -7.68 23.40 4.95
CA GLN C 198 -6.74 23.45 6.04
C GLN C 198 -5.62 22.54 5.75
N VAL C 199 -4.42 23.10 5.68
CA VAL C 199 -3.19 22.43 5.36
C VAL C 199 -2.24 22.25 6.56
N THR C 200 -1.95 20.99 6.91
CA THR C 200 -1.07 20.68 8.03
C THR C 200 0.28 20.26 7.48
N HIS C 201 1.35 20.86 8.00
CA HIS C 201 2.73 20.60 7.62
C HIS C 201 3.67 20.76 8.84
N GLU C 202 4.31 19.70 9.31
CA GLU C 202 5.36 19.80 10.39
C GLU C 202 4.91 20.61 11.60
N GLY C 203 3.76 20.23 12.06
CA GLY C 203 3.24 20.93 13.28
C GLY C 203 2.52 22.25 13.08
N SER C 204 2.51 22.76 11.85
CA SER C 204 1.82 23.94 11.45
C SER C 204 0.54 23.64 10.76
N THR C 205 -0.41 24.57 10.92
CA THR C 205 -1.63 24.56 10.15
C THR C 205 -1.87 25.89 9.53
N VAL C 206 -2.09 25.92 8.23
CA VAL C 206 -2.60 27.12 7.56
C VAL C 206 -4.01 26.83 7.01
N GLU C 207 -4.94 27.70 7.33
CA GLU C 207 -6.32 27.58 6.92
C GLU C 207 -6.87 28.80 6.15
N LYS C 208 -7.21 28.58 4.88
CA LYS C 208 -7.82 29.61 4.06
C LYS C 208 -9.31 29.33 3.86
N THR C 209 -10.07 30.41 3.71
CA THR C 209 -11.53 30.39 3.65
C THR C 209 -12.07 31.23 2.45
N VAL C 210 -13.10 30.74 1.78
CA VAL C 210 -13.83 31.50 0.78
C VAL C 210 -15.32 31.43 1.11
N ALA C 211 -16.06 32.42 0.60
CA ALA C 211 -17.50 32.55 0.86
C ALA C 211 -18.20 32.83 -0.46
N PRO C 212 -19.32 32.13 -0.77
CA PRO C 212 -20.08 32.36 -2.04
C PRO C 212 -20.48 33.83 -2.11
N THR C 213 -20.38 34.47 -3.25
CA THR C 213 -20.75 35.93 -3.39
C THR C 213 -19.57 36.93 -3.59
C1 NAG D . 12.09 -52.13 15.90
C2 NAG D . 13.09 -53.12 15.27
C3 NAG D . 12.67 -54.60 15.46
C4 NAG D . 12.31 -54.89 16.93
C5 NAG D . 11.28 -53.86 17.45
C6 NAG D . 10.96 -54.03 18.93
C7 NAG D . 14.44 -52.48 13.33
C8 NAG D . 14.47 -52.13 11.86
N2 NAG D . 13.25 -52.79 13.86
O3 NAG D . 13.70 -55.46 15.02
O4 NAG D . 11.74 -56.17 17.02
O5 NAG D . 11.72 -52.51 17.24
O6 NAG D . 9.91 -53.13 19.22
O7 NAG D . 15.46 -52.46 14.01
S SO4 E . 15.68 17.10 -1.29
O1 SO4 E . 16.10 18.40 -0.81
O2 SO4 E . 16.80 16.40 -1.91
O3 SO4 E . 14.77 17.21 -2.37
O4 SO4 E . 15.07 16.34 -0.14
S SO4 F . -16.22 10.84 -3.68
O1 SO4 F . -14.99 10.04 -3.80
O2 SO4 F . -16.19 11.98 -4.64
O3 SO4 F . -16.44 11.26 -2.28
O4 SO4 F . -17.42 10.04 -4.02
S SO4 G . 24.29 0.06 4.30
O1 SO4 G . 25.19 0.92 3.50
O2 SO4 G . 22.87 0.38 4.02
O3 SO4 G . 24.47 -1.39 3.96
O4 SO4 G . 24.73 0.31 5.70
CL CL H . -19.61 14.70 3.42
CL CL I . 10.72 14.37 12.09
CL CL J . -22.88 37.62 -5.35
#